data_7A1J
#
_entry.id   7A1J
#
_cell.length_a   86.194
_cell.length_b   86.194
_cell.length_c   148.740
_cell.angle_alpha   90.000
_cell.angle_beta   90.000
_cell.angle_gamma   90.000
#
_symmetry.space_group_name_H-M   'P 41 21 2'
#
loop_
_entity.id
_entity.type
_entity.pdbx_description
1 polymer 'Hypoxia-inducible factor 1-alpha inhibitor'
2 non-polymer 'ZINC ION'
3 non-polymer 'SULFATE ION'
4 non-polymer 3-(3-phenylpropyl)-2-oxoglutarate
5 water water
#
_entity_poly.entity_id   1
_entity_poly.type   'polypeptide(L)'
_entity_poly.pdbx_seq_one_letter_code
;MAATAAEAVASGSGEPREEAGALGPAWDESQLRSYSFPTRPIPRLSQSDPRAEELIENEEPVVLTDTNLVYPALKWDLEY
LQENIGNGDFSVYSASTHKFLYYDEKKMANFQNFKPRSNREEMKFHEFVEKLQDIQQRGGEERLYLQQTLNDTVGRKIVM
DFLGFNWNWINKQQGKRGWGQLTSNLLLIGMEGNVTPAHYDEQQNFFAQIKGYKRCILFPPDQFECLYPYPVHHPCDRQS
QVDFDNPDYERFPNFQNVVGYETVVGPGDVLYIPMYWWHHIESLLNGGITITVNFWYKGAPTPKRIEYPLKAHQKVAIMR
NIEKMLGEALGNPQEVGPLLNTMIKGRYN
;
_entity_poly.pdbx_strand_id   A
#
# COMPACT_ATOMS: atom_id res chain seq x y z
N GLU A 15 7.76 19.70 4.97
CA GLU A 15 8.97 19.71 5.77
C GLU A 15 8.76 18.88 7.05
N PRO A 16 9.85 18.56 7.76
CA PRO A 16 9.73 17.63 8.90
C PRO A 16 9.07 18.28 10.11
N ARG A 17 8.21 17.51 10.77
CA ARG A 17 7.57 17.96 12.00
C ARG A 17 8.52 17.75 13.19
N GLU A 18 8.29 18.51 14.25
CA GLU A 18 9.16 18.54 15.42
C GLU A 18 8.52 17.79 16.57
N GLU A 19 9.25 16.85 17.14
CA GLU A 19 8.74 16.05 18.25
C GLU A 19 8.55 16.89 19.51
N ALA A 20 7.51 16.54 20.28
CA ALA A 20 7.21 17.23 21.53
C ALA A 20 8.35 17.03 22.51
N GLY A 21 8.52 18.01 23.40
CA GLY A 21 9.59 17.98 24.38
C GLY A 21 10.94 18.34 23.79
N ALA A 22 10.96 19.13 22.70
CA ALA A 22 12.19 19.62 22.06
C ALA A 22 13.15 18.47 21.79
N LEU A 23 12.57 17.33 21.40
CA LEU A 23 13.34 16.14 21.06
C LEU A 23 13.84 16.14 19.63
N GLY A 24 13.73 17.26 18.92
CA GLY A 24 14.32 17.42 17.62
C GLY A 24 13.39 16.99 16.53
N PRO A 25 13.77 17.23 15.28
CA PRO A 25 12.98 16.72 14.15
C PRO A 25 12.96 15.20 14.18
N ALA A 26 11.78 14.64 14.03
CA ALA A 26 11.67 13.18 14.09
C ALA A 26 12.46 12.53 12.96
N TRP A 27 12.47 13.17 11.79
CA TRP A 27 13.23 12.69 10.64
C TRP A 27 13.79 13.91 9.91
N ASP A 28 14.67 13.66 8.96
CA ASP A 28 15.18 14.72 8.11
C ASP A 28 15.24 14.25 6.65
N GLU A 29 15.41 15.22 5.76
CA GLU A 29 15.21 14.95 4.34
C GLU A 29 16.25 13.97 3.78
N SER A 30 17.38 13.82 4.46
CA SER A 30 18.38 12.85 4.05
C SER A 30 17.88 11.41 4.15
N GLN A 31 16.79 11.13 4.88
CA GLN A 31 16.27 9.78 4.99
C GLN A 31 15.26 9.44 3.89
N LEU A 32 15.03 10.33 2.91
CA LEU A 32 14.11 10.03 1.82
C LEU A 32 14.87 9.67 0.56
N ARG A 33 14.44 8.63 -0.14
CA ARG A 33 15.02 8.29 -1.42
C ARG A 33 14.74 9.39 -2.46
N SER A 34 15.54 9.43 -3.51
CA SER A 34 15.45 10.49 -4.51
C SER A 34 14.80 9.93 -5.77
N TYR A 35 13.82 10.65 -6.29
CA TYR A 35 13.09 10.22 -7.47
C TYR A 35 13.00 11.33 -8.49
N SER A 36 12.46 11.00 -9.68
CA SER A 36 12.51 11.85 -10.86
C SER A 36 11.34 12.82 -10.96
N PHE A 37 10.30 12.65 -10.19
CA PHE A 37 9.12 13.47 -10.37
C PHE A 37 8.94 14.48 -9.21
N PRO A 38 8.13 15.51 -9.42
CA PRO A 38 7.77 16.42 -8.33
C PRO A 38 6.59 15.90 -7.53
N THR A 39 6.45 16.46 -6.33
CA THR A 39 5.34 16.19 -5.42
C THR A 39 4.91 17.49 -4.73
N ARG A 40 3.71 17.43 -4.16
CA ARG A 40 3.21 18.47 -3.28
C ARG A 40 2.61 17.77 -2.06
N PRO A 41 2.53 18.44 -0.93
CA PRO A 41 2.19 17.69 0.30
C PRO A 41 0.71 17.28 0.35
N ILE A 42 0.45 16.11 0.96
CA ILE A 42 -0.89 15.75 1.44
C ILE A 42 -1.25 16.55 2.69
N PRO A 43 -2.47 17.11 2.79
CA PRO A 43 -2.85 17.88 3.99
C PRO A 43 -2.76 17.00 5.22
N ARG A 44 -2.24 17.55 6.32
CA ARG A 44 -2.29 16.94 7.66
C ARG A 44 -3.26 17.75 8.51
N LEU A 45 -4.35 17.11 8.94
CA LEU A 45 -5.43 17.81 9.60
C LEU A 45 -5.92 17.04 10.82
N SER A 46 -6.67 17.73 11.69
CA SER A 46 -7.42 17.11 12.78
C SER A 46 -8.65 16.42 12.23
N GLN A 47 -8.93 15.25 12.85
CA GLN A 47 -10.18 14.50 12.72
C GLN A 47 -11.39 15.44 12.79
N SER A 48 -11.32 16.48 13.60
CA SER A 48 -12.47 17.36 13.78
C SER A 48 -12.53 18.45 12.73
N ASP A 49 -11.59 18.46 11.78
CA ASP A 49 -11.50 19.62 10.86
C ASP A 49 -12.49 19.34 9.73
N PRO A 50 -13.49 20.19 9.50
CA PRO A 50 -14.43 19.90 8.40
C PRO A 50 -13.74 19.65 7.06
N ARG A 51 -12.61 20.30 6.82
CA ARG A 51 -11.88 20.09 5.59
C ARG A 51 -11.43 18.65 5.48
N ALA A 52 -11.14 17.99 6.61
CA ALA A 52 -10.74 16.59 6.52
C ALA A 52 -11.92 15.76 6.05
N GLU A 53 -13.11 15.99 6.63
CA GLU A 53 -14.29 15.24 6.24
C GLU A 53 -14.61 15.45 4.77
N GLU A 54 -14.40 16.66 4.25
CA GLU A 54 -14.71 16.93 2.85
C GLU A 54 -13.72 16.24 1.91
N LEU A 55 -12.44 16.15 2.32
CA LEU A 55 -11.47 15.37 1.53
C LEU A 55 -11.84 13.88 1.47
N ILE A 56 -12.16 13.29 2.59
CA ILE A 56 -12.55 11.90 2.57
C ILE A 56 -13.80 11.72 1.71
N GLU A 57 -14.78 12.63 1.85
CA GLU A 57 -16.03 12.50 1.12
C GLU A 57 -15.78 12.54 -0.37
N ASN A 58 -14.83 13.39 -0.78
CA ASN A 58 -14.44 13.50 -2.17
C ASN A 58 -13.34 12.54 -2.61
N GLU A 59 -13.02 11.54 -1.81
CA GLU A 59 -12.06 10.48 -2.15
C GLU A 59 -10.69 11.06 -2.52
N GLU A 60 -10.21 11.98 -1.65
CA GLU A 60 -8.89 12.57 -1.78
C GLU A 60 -8.12 12.27 -0.51
N PRO A 61 -6.81 11.97 -0.61
CA PRO A 61 -6.08 11.59 0.60
C PRO A 61 -5.94 12.74 1.60
N VAL A 62 -5.83 12.33 2.85
CA VAL A 62 -5.63 13.29 3.94
C VAL A 62 -4.96 12.52 5.09
N VAL A 63 -4.07 13.16 5.81
CA VAL A 63 -3.43 12.54 6.96
C VAL A 63 -4.18 13.10 8.18
N LEU A 64 -4.78 12.25 9.01
CA LEU A 64 -5.43 12.66 10.27
C LEU A 64 -4.47 12.42 11.41
N THR A 65 -4.18 13.42 12.17
CA THR A 65 -3.15 13.40 13.18
C THR A 65 -3.65 13.03 14.58
N ASP A 66 -4.97 12.90 14.80
CA ASP A 66 -5.44 12.79 16.18
C ASP A 66 -6.67 11.89 16.24
N THR A 67 -6.72 10.83 15.43
CA THR A 67 -7.88 9.94 15.50
C THR A 67 -7.85 9.02 16.74
N ASN A 68 -6.64 8.71 17.28
CA ASN A 68 -6.53 7.67 18.30
C ASN A 68 -6.99 6.32 17.80
N LEU A 69 -6.93 6.15 16.48
CA LEU A 69 -7.45 4.92 15.90
C LEU A 69 -6.74 3.69 16.45
N VAL A 70 -5.40 3.75 16.57
CA VAL A 70 -4.71 2.55 17.08
C VAL A 70 -3.93 2.91 18.35
N TYR A 71 -4.56 3.74 19.18
CA TYR A 71 -3.84 4.26 20.33
C TYR A 71 -3.28 3.12 21.19
N PRO A 72 -3.99 2.02 21.47
CA PRO A 72 -3.39 0.98 22.34
C PRO A 72 -2.23 0.28 21.69
N ALA A 73 -2.07 0.36 20.35
CA ALA A 73 -0.93 -0.30 19.70
C ALA A 73 0.33 0.58 19.62
N LEU A 74 0.23 1.86 20.04
CA LEU A 74 1.42 2.69 20.02
C LEU A 74 2.50 2.15 20.94
N LYS A 75 2.15 1.34 21.95
CA LYS A 75 3.19 0.77 22.82
C LYS A 75 3.88 -0.45 22.19
N TRP A 76 3.44 -0.87 21.01
CA TRP A 76 3.93 -2.11 20.43
C TRP A 76 5.38 -1.97 19.99
N ASP A 77 6.18 -2.98 20.31
CA ASP A 77 7.49 -3.20 19.73
C ASP A 77 7.68 -4.71 19.59
N LEU A 78 8.85 -5.10 19.09
CA LEU A 78 9.08 -6.53 18.82
C LEU A 78 9.00 -7.36 20.10
N GLU A 79 9.65 -6.89 21.18
CA GLU A 79 9.55 -7.60 22.45
C GLU A 79 8.09 -7.87 22.84
N TYR A 80 7.28 -6.80 22.86
CA TYR A 80 5.89 -6.92 23.27
C TYR A 80 5.11 -7.87 22.37
N LEU A 81 5.30 -7.77 21.07
CA LEU A 81 4.51 -8.55 20.13
C LEU A 81 4.87 -10.00 20.26
N GLN A 82 6.16 -10.31 20.37
CA GLN A 82 6.60 -11.70 20.47
C GLN A 82 5.97 -12.38 21.68
N GLU A 83 5.87 -11.67 22.79
CA GLU A 83 5.29 -12.27 23.99
C GLU A 83 3.80 -12.53 23.80
N ASN A 84 3.09 -11.65 23.06
CA ASN A 84 1.64 -11.62 23.11
C ASN A 84 0.91 -11.94 21.82
N ILE A 85 1.57 -11.88 20.66
CA ILE A 85 0.86 -12.08 19.40
C ILE A 85 0.51 -13.54 19.15
N GLY A 86 0.89 -14.40 20.01
CA GLY A 86 0.51 -15.80 19.90
C GLY A 86 1.46 -16.60 19.01
N ASN A 87 1.07 -17.83 18.71
CA ASN A 87 1.93 -18.76 18.01
C ASN A 87 1.37 -19.14 16.63
N GLY A 88 0.74 -18.20 15.95
CA GLY A 88 0.30 -18.47 14.60
C GLY A 88 1.41 -18.30 13.61
N ASP A 89 1.10 -18.63 12.35
CA ASP A 89 2.04 -18.40 11.26
C ASP A 89 1.96 -16.97 10.77
N PHE A 90 3.12 -16.40 10.43
CA PHE A 90 3.25 -15.07 9.85
C PHE A 90 3.97 -15.16 8.52
N SER A 91 3.42 -14.50 7.51
CA SER A 91 4.06 -14.40 6.21
C SER A 91 5.20 -13.41 6.29
N VAL A 92 6.42 -13.84 6.03
CA VAL A 92 7.59 -12.96 6.01
C VAL A 92 8.25 -13.04 4.63
N TYR A 93 8.43 -11.90 3.99
CA TYR A 93 9.09 -11.81 2.70
C TYR A 93 10.56 -11.46 2.89
N SER A 94 11.41 -12.09 2.09
CA SER A 94 12.83 -11.79 2.05
C SER A 94 13.22 -11.37 0.64
N ALA A 95 14.15 -10.42 0.53
CA ALA A 95 14.63 -9.96 -0.78
C ALA A 95 16.04 -9.44 -0.63
N SER A 96 16.80 -9.52 -1.71
CA SER A 96 18.13 -8.94 -1.78
C SER A 96 18.11 -7.46 -2.16
N THR A 97 16.95 -6.92 -2.55
CA THR A 97 16.79 -5.51 -2.88
C THR A 97 15.89 -4.85 -1.85
N HIS A 98 15.91 -3.52 -1.85
CA HIS A 98 15.01 -2.79 -0.96
C HIS A 98 13.57 -2.86 -1.41
N LYS A 99 13.31 -3.25 -2.66
CA LYS A 99 11.99 -3.22 -3.27
C LYS A 99 11.27 -4.54 -3.05
N PHE A 100 10.08 -4.47 -2.44
CA PHE A 100 9.24 -5.64 -2.16
C PHE A 100 8.00 -5.53 -3.05
N LEU A 101 8.20 -5.83 -4.33
CA LEU A 101 7.11 -5.82 -5.30
C LEU A 101 6.11 -6.91 -4.97
N TYR A 102 4.84 -6.52 -4.83
CA TYR A 102 3.79 -7.50 -4.51
C TYR A 102 3.55 -8.37 -5.74
N TYR A 103 3.34 -9.67 -5.53
CA TYR A 103 2.89 -10.57 -6.59
C TYR A 103 1.80 -11.49 -6.04
N ASP A 104 0.79 -11.75 -6.85
CA ASP A 104 -0.37 -12.57 -6.51
C ASP A 104 -0.05 -13.99 -6.96
N GLU A 105 0.14 -14.89 -5.98
CA GLU A 105 0.59 -16.24 -6.29
C GLU A 105 -0.46 -17.01 -7.05
N LYS A 106 -1.74 -16.67 -6.90
CA LYS A 106 -2.78 -17.35 -7.64
C LYS A 106 -2.69 -17.10 -9.14
N LYS A 107 -1.96 -16.07 -9.58
CA LYS A 107 -1.87 -15.74 -11.00
C LYS A 107 -0.58 -16.20 -11.66
N MET A 108 0.33 -16.81 -10.89
CA MET A 108 1.63 -17.22 -11.41
C MET A 108 1.49 -18.34 -12.43
N ALA A 109 0.36 -19.04 -12.45
CA ALA A 109 0.14 -20.06 -13.47
C ALA A 109 -0.01 -19.45 -14.86
N ASN A 110 -0.61 -18.26 -14.94
CA ASN A 110 -0.80 -17.61 -16.25
C ASN A 110 0.52 -17.14 -16.84
N PHE A 111 1.53 -16.88 -15.99
CA PHE A 111 2.82 -16.37 -16.42
C PHE A 111 3.89 -17.26 -15.78
N GLN A 112 4.13 -18.44 -16.37
CA GLN A 112 5.13 -19.36 -15.83
C GLN A 112 6.55 -18.87 -16.04
N ASN A 113 6.73 -17.73 -16.69
N ASN A 113 6.75 -17.73 -16.70
CA ASN A 113 8.03 -17.10 -16.88
CA ASN A 113 8.07 -17.14 -16.85
C ASN A 113 8.34 -16.02 -15.85
C ASN A 113 8.36 -16.04 -15.82
N PHE A 114 7.42 -15.74 -14.93
CA PHE A 114 7.63 -14.76 -13.89
C PHE A 114 8.26 -15.47 -12.68
N LYS A 115 9.43 -15.00 -12.28
CA LYS A 115 10.11 -15.51 -11.09
C LYS A 115 10.19 -14.36 -10.10
N PRO A 116 9.52 -14.43 -8.96
CA PRO A 116 9.55 -13.29 -8.03
C PRO A 116 10.95 -13.01 -7.52
N ARG A 117 11.19 -11.75 -7.16
CA ARG A 117 12.42 -11.38 -6.49
C ARG A 117 12.31 -11.52 -4.97
N SER A 118 11.12 -11.36 -4.40
CA SER A 118 10.87 -11.66 -3.00
C SER A 118 10.60 -13.13 -2.84
N ASN A 119 11.03 -13.68 -1.71
CA ASN A 119 10.69 -15.04 -1.30
C ASN A 119 9.85 -14.96 -0.03
N ARG A 120 8.71 -15.66 -0.04
CA ARG A 120 7.83 -15.73 1.11
C ARG A 120 8.16 -16.97 1.94
N GLU A 121 8.33 -16.77 3.24
CA GLU A 121 8.53 -17.85 4.18
C GLU A 121 7.51 -17.69 5.31
N GLU A 122 6.78 -18.76 5.59
CA GLU A 122 5.80 -18.77 6.67
C GLU A 122 6.54 -19.18 7.93
N MET A 123 6.54 -18.32 8.94
CA MET A 123 7.28 -18.62 10.18
C MET A 123 6.56 -18.09 11.41
N LYS A 124 7.02 -18.56 12.58
CA LYS A 124 6.53 -18.06 13.87
C LYS A 124 7.15 -16.71 14.19
N PHE A 125 6.47 -15.93 15.03
CA PHE A 125 6.91 -14.55 15.22
C PHE A 125 8.29 -14.49 15.83
N HIS A 126 8.57 -15.37 16.82
CA HIS A 126 9.89 -15.43 17.41
C HIS A 126 10.92 -15.77 16.36
N GLU A 127 10.57 -16.65 15.40
CA GLU A 127 11.51 -16.95 14.31
C GLU A 127 11.77 -15.69 13.47
N PHE A 128 10.74 -14.89 13.24
CA PHE A 128 10.94 -13.61 12.56
C PHE A 128 11.89 -12.70 13.35
N VAL A 129 11.69 -12.61 14.66
CA VAL A 129 12.56 -11.73 15.46
C VAL A 129 13.99 -12.23 15.42
N GLU A 130 14.18 -13.55 15.50
CA GLU A 130 15.52 -14.12 15.52
C GLU A 130 16.22 -13.92 14.19
N LYS A 131 15.56 -14.29 13.10
CA LYS A 131 16.17 -14.12 11.78
C LYS A 131 16.53 -12.66 11.55
N LEU A 132 15.73 -11.76 12.09
CA LEU A 132 16.09 -10.36 12.01
C LEU A 132 17.28 -10.04 12.89
N GLN A 133 17.36 -10.66 14.07
CA GLN A 133 18.52 -10.49 14.93
C GLN A 133 19.78 -10.98 14.22
N ASP A 134 19.75 -12.20 13.68
N ASP A 134 19.75 -12.20 13.67
CA ASP A 134 20.92 -12.76 13.00
CA ASP A 134 20.95 -12.74 13.02
C ASP A 134 21.44 -11.81 11.95
C ASP A 134 21.45 -11.80 11.94
N ILE A 135 20.55 -11.32 11.08
CA ILE A 135 20.94 -10.37 10.04
C ILE A 135 21.64 -9.17 10.66
N GLN A 136 21.02 -8.57 11.69
CA GLN A 136 21.63 -7.43 12.36
C GLN A 136 22.99 -7.80 12.93
N GLN A 137 23.11 -8.99 13.52
CA GLN A 137 24.34 -9.41 14.18
C GLN A 137 25.48 -9.56 13.17
N ARG A 138 25.23 -10.28 12.07
CA ARG A 138 26.27 -10.51 11.07
C ARG A 138 26.40 -9.36 10.07
N GLY A 139 25.66 -8.27 10.27
CA GLY A 139 25.75 -7.13 9.35
C GLY A 139 25.35 -7.44 7.92
N GLY A 140 24.52 -8.45 7.71
CA GLY A 140 24.10 -8.81 6.37
C GLY A 140 23.28 -7.71 5.72
N GLU A 141 23.01 -7.91 4.43
CA GLU A 141 22.20 -6.96 3.67
C GLU A 141 20.87 -7.56 3.23
N GLU A 142 20.59 -8.81 3.59
CA GLU A 142 19.26 -9.37 3.39
C GLU A 142 18.21 -8.52 4.09
N ARG A 143 17.06 -8.38 3.44
CA ARG A 143 15.96 -7.59 3.98
C ARG A 143 14.72 -8.45 4.19
N LEU A 144 13.96 -8.12 5.25
CA LEU A 144 12.71 -8.79 5.55
C LEU A 144 11.55 -7.81 5.62
N TYR A 145 10.36 -8.32 5.34
CA TYR A 145 9.14 -7.54 5.50
C TYR A 145 8.04 -8.50 5.92
N LEU A 146 7.57 -8.37 7.13
CA LEU A 146 6.48 -9.18 7.65
C LEU A 146 5.18 -8.50 7.23
N GLN A 147 4.29 -9.24 6.58
CA GLN A 147 3.02 -8.71 6.10
C GLN A 147 2.00 -9.81 6.38
N GLN A 148 1.16 -9.65 7.40
CA GLN A 148 0.29 -10.71 7.89
C GLN A 148 -1.04 -10.15 8.39
N THR A 149 -2.12 -10.73 7.88
CA THR A 149 -3.46 -10.37 8.31
C THR A 149 -3.63 -10.75 9.77
N LEU A 150 -4.13 -9.84 10.58
CA LEU A 150 -4.47 -10.20 11.94
C LEU A 150 -5.68 -11.13 11.99
N ASN A 151 -5.63 -12.13 12.85
CA ASN A 151 -6.70 -13.13 12.87
C ASN A 151 -6.83 -13.63 14.29
N ASP A 152 -7.63 -14.70 14.48
CA ASP A 152 -8.04 -15.23 15.79
C ASP A 152 -6.90 -15.82 16.61
N THR A 153 -5.75 -16.07 16.00
CA THR A 153 -4.69 -16.76 16.73
C THR A 153 -3.89 -15.81 17.64
N VAL A 154 -4.20 -14.51 17.66
CA VAL A 154 -3.40 -13.60 18.47
C VAL A 154 -3.74 -13.81 19.94
N GLY A 155 -2.76 -13.51 20.81
CA GLY A 155 -2.94 -13.73 22.23
C GLY A 155 -3.81 -12.64 22.86
N ARG A 156 -4.13 -12.87 24.13
CA ARG A 156 -5.18 -12.11 24.81
C ARG A 156 -4.84 -10.61 24.87
N LYS A 157 -3.58 -10.25 25.16
CA LYS A 157 -3.24 -8.83 25.21
C LYS A 157 -3.32 -8.15 23.84
N ILE A 158 -3.10 -8.89 22.74
CA ILE A 158 -3.30 -8.24 21.44
C ILE A 158 -4.79 -8.12 21.17
N VAL A 159 -5.56 -9.13 21.57
CA VAL A 159 -7.01 -8.96 21.47
C VAL A 159 -7.44 -7.69 22.20
N MET A 160 -7.01 -7.53 23.46
CA MET A 160 -7.37 -6.38 24.30
C MET A 160 -6.97 -5.08 23.61
N ASP A 161 -5.78 -5.05 23.05
CA ASP A 161 -5.31 -3.87 22.28
C ASP A 161 -6.19 -3.60 21.07
N PHE A 162 -6.41 -4.63 20.24
CA PHE A 162 -7.28 -4.55 19.08
C PHE A 162 -8.66 -4.03 19.47
N LEU A 163 -9.23 -4.52 20.57
CA LEU A 163 -10.56 -4.12 20.97
C LEU A 163 -10.54 -2.65 21.36
N GLY A 164 -9.41 -2.13 21.81
CA GLY A 164 -9.32 -0.75 22.19
C GLY A 164 -9.03 0.22 21.03
N PHE A 165 -8.94 -0.26 19.78
CA PHE A 165 -8.88 0.71 18.69
C PHE A 165 -10.13 1.58 18.70
N ASN A 166 -10.04 2.74 18.01
CA ASN A 166 -11.17 3.70 18.00
C ASN A 166 -12.19 3.28 16.92
N TRP A 167 -12.94 2.21 17.25
CA TRP A 167 -14.00 1.72 16.37
C TRP A 167 -15.15 2.69 16.29
N ASN A 168 -15.38 3.49 17.34
CA ASN A 168 -16.42 4.49 17.26
C ASN A 168 -16.17 5.43 16.06
N TRP A 169 -14.93 5.88 15.90
CA TRP A 169 -14.60 6.85 14.84
C TRP A 169 -14.59 6.21 13.47
N ILE A 170 -13.91 5.06 13.34
CA ILE A 170 -13.85 4.44 12.04
C ILE A 170 -15.19 3.82 11.56
N ASN A 171 -15.98 3.30 12.46
CA ASN A 171 -17.31 2.81 12.10
C ASN A 171 -18.19 3.94 11.60
N LYS A 172 -18.08 5.14 12.18
CA LYS A 172 -18.83 6.27 11.67
C LYS A 172 -18.35 6.68 10.30
N GLN A 173 -17.04 6.64 10.05
CA GLN A 173 -16.53 6.87 8.72
C GLN A 173 -17.15 5.90 7.74
N GLN A 174 -17.02 4.60 8.04
CA GLN A 174 -17.60 3.57 7.20
C GLN A 174 -19.08 3.84 6.93
N GLY A 175 -19.84 4.19 7.98
CA GLY A 175 -21.26 4.52 7.82
C GLY A 175 -21.50 5.74 6.94
N LYS A 176 -20.82 6.85 7.26
CA LYS A 176 -21.01 8.08 6.50
C LYS A 176 -20.72 7.87 5.01
N ARG A 177 -19.65 7.14 4.69
CA ARG A 177 -19.21 7.02 3.30
C ARG A 177 -19.92 5.89 2.55
N GLY A 178 -20.79 5.15 3.22
CA GLY A 178 -21.48 4.08 2.55
C GLY A 178 -20.59 2.93 2.19
N TRP A 179 -19.44 2.80 2.83
CA TRP A 179 -18.57 1.68 2.50
C TRP A 179 -19.15 0.32 2.93
N GLY A 180 -18.59 -0.75 2.37
CA GLY A 180 -18.91 -2.08 2.85
C GLY A 180 -18.17 -2.38 4.13
N GLN A 181 -18.15 -3.66 4.47
CA GLN A 181 -17.61 -4.10 5.75
C GLN A 181 -16.10 -4.08 5.75
N LEU A 182 -15.54 -3.92 6.94
CA LEU A 182 -14.10 -4.09 7.15
C LEU A 182 -13.68 -5.46 6.61
N THR A 183 -12.74 -5.47 5.70
CA THR A 183 -12.29 -6.63 4.96
C THR A 183 -11.20 -7.34 5.73
N SER A 184 -10.21 -6.61 6.20
CA SER A 184 -9.13 -7.22 6.95
C SER A 184 -8.28 -6.10 7.50
N ASN A 185 -7.45 -6.42 8.50
CA ASN A 185 -6.38 -5.54 8.97
C ASN A 185 -5.06 -6.23 8.67
N LEU A 186 -4.18 -5.56 7.98
CA LEU A 186 -2.87 -6.11 7.67
C LEU A 186 -1.83 -5.52 8.62
N LEU A 187 -1.10 -6.38 9.32
CA LEU A 187 0.03 -5.97 10.15
C LEU A 187 1.29 -5.94 9.30
N LEU A 188 2.07 -4.87 9.39
CA LEU A 188 3.19 -4.62 8.49
C LEU A 188 4.38 -4.23 9.35
N ILE A 189 5.44 -5.05 9.31
CA ILE A 189 6.63 -4.80 10.09
C ILE A 189 7.79 -4.91 9.13
N GLY A 190 8.44 -3.77 8.85
CA GLY A 190 9.49 -3.70 7.84
C GLY A 190 10.77 -3.13 8.42
N MET A 191 11.85 -3.30 7.68
CA MET A 191 13.16 -2.80 8.07
C MET A 191 13.34 -1.43 7.43
N GLU A 192 14.15 -0.59 8.09
CA GLU A 192 14.49 0.70 7.53
C GLU A 192 14.92 0.55 6.07
N GLY A 193 14.43 1.44 5.20
CA GLY A 193 14.76 1.38 3.79
C GLY A 193 13.88 0.50 2.93
N ASN A 194 13.04 -0.36 3.51
CA ASN A 194 12.13 -1.17 2.71
C ASN A 194 11.20 -0.27 1.89
N VAL A 195 10.82 -0.73 0.70
CA VAL A 195 10.00 0.03 -0.22
C VAL A 195 8.94 -0.90 -0.76
N THR A 196 7.69 -0.50 -0.71
CA THR A 196 6.65 -1.24 -1.41
C THR A 196 6.39 -0.42 -2.70
N PRO A 197 6.66 -0.96 -3.87
CA PRO A 197 6.60 -0.14 -5.10
C PRO A 197 5.18 0.30 -5.39
N ALA A 198 5.04 1.31 -6.24
CA ALA A 198 3.76 1.92 -6.56
C ALA A 198 2.75 0.90 -7.10
N HIS A 199 1.55 1.00 -6.55
CA HIS A 199 0.43 0.10 -6.85
C HIS A 199 -0.85 0.72 -6.34
N TYR A 200 -1.98 0.20 -6.81
CA TYR A 200 -3.26 0.68 -6.33
C TYR A 200 -3.99 -0.55 -5.85
N ASP A 201 -4.93 -0.34 -4.94
CA ASP A 201 -5.76 -1.39 -4.37
C ASP A 201 -7.21 -1.08 -4.71
N GLU A 202 -8.05 -2.08 -4.71
CA GLU A 202 -9.43 -1.80 -5.05
C GLU A 202 -10.29 -1.42 -3.86
N GLN A 203 -9.81 -1.59 -2.61
CA GLN A 203 -10.50 -1.20 -1.39
C GLN A 203 -10.05 0.14 -0.84
N GLN A 204 -10.92 0.73 -0.01
CA GLN A 204 -10.63 1.94 0.72
C GLN A 204 -9.71 1.60 1.87
N ASN A 205 -8.78 2.49 2.21
CA ASN A 205 -7.75 2.15 3.20
C ASN A 205 -7.56 3.27 4.20
N PHE A 206 -7.73 2.93 5.49
CA PHE A 206 -7.16 3.79 6.53
C PHE A 206 -5.88 3.13 7.04
N PHE A 207 -4.75 3.82 6.86
CA PHE A 207 -3.40 3.30 7.02
C PHE A 207 -2.88 3.93 8.29
N ALA A 208 -2.79 3.10 9.35
CA ALA A 208 -2.49 3.57 10.69
C ALA A 208 -1.05 3.27 11.11
N GLN A 209 -0.26 4.31 11.28
CA GLN A 209 1.16 4.19 11.58
C GLN A 209 1.34 4.08 13.09
N ILE A 210 2.21 3.14 13.49
CA ILE A 210 2.38 2.72 14.89
C ILE A 210 3.79 2.98 15.37
N LYS A 211 4.80 2.61 14.55
CA LYS A 211 6.20 2.76 14.97
C LYS A 211 7.07 3.17 13.80
N GLY A 212 7.97 4.13 14.04
CA GLY A 212 8.78 4.56 12.95
C GLY A 212 7.98 5.43 11.97
N TYR A 213 8.60 5.70 10.83
CA TYR A 213 8.14 6.70 9.87
C TYR A 213 8.17 6.09 8.48
N LYS A 214 7.13 6.37 7.71
CA LYS A 214 6.97 5.89 6.32
C LYS A 214 6.63 7.08 5.45
N ARG A 215 7.36 7.23 4.35
CA ARG A 215 7.06 8.21 3.34
C ARG A 215 6.05 7.54 2.40
N CYS A 216 4.91 8.22 2.19
CA CYS A 216 3.85 7.76 1.31
C CYS A 216 3.68 8.72 0.15
N ILE A 217 3.83 8.22 -1.06
CA ILE A 217 3.68 9.01 -2.26
C ILE A 217 2.47 8.46 -3.02
N LEU A 218 1.44 9.26 -3.15
CA LEU A 218 0.21 8.86 -3.84
C LEU A 218 0.12 9.57 -5.20
N PHE A 219 -0.58 8.91 -6.12
CA PHE A 219 -0.91 9.44 -7.41
C PHE A 219 -2.37 9.16 -7.69
N PRO A 220 -3.11 10.15 -8.20
CA PRO A 220 -4.55 9.96 -8.42
C PRO A 220 -4.79 8.96 -9.50
N PRO A 221 -6.00 8.38 -9.52
CA PRO A 221 -6.34 7.41 -10.56
C PRO A 221 -6.21 7.97 -11.98
N ASP A 222 -6.38 9.26 -12.20
CA ASP A 222 -6.22 9.79 -13.54
C ASP A 222 -4.75 9.78 -14.00
N GLN A 223 -3.79 9.32 -13.22
CA GLN A 223 -2.41 9.12 -13.68
C GLN A 223 -2.16 7.69 -14.15
N PHE A 224 -3.26 6.90 -14.33
CA PHE A 224 -3.09 5.57 -14.94
C PHE A 224 -2.07 5.56 -16.12
N GLU A 225 -2.24 6.55 -17.01
CA GLU A 225 -1.46 6.59 -18.25
C GLU A 225 0.03 6.81 -18.02
N CYS A 226 0.40 7.35 -16.89
CA CYS A 226 1.79 7.64 -16.56
C CYS A 226 2.46 6.50 -15.80
N LEU A 227 1.69 5.53 -15.27
CA LEU A 227 2.20 4.56 -14.33
C LEU A 227 2.15 3.10 -14.79
N TYR A 228 1.54 2.78 -15.93
CA TYR A 228 1.79 1.54 -16.62
C TYR A 228 1.61 0.27 -15.75
N PRO A 229 0.43 0.00 -15.21
CA PRO A 229 0.22 -1.27 -14.47
C PRO A 229 0.46 -2.47 -15.37
N TYR A 230 0.96 -3.55 -14.76
CA TYR A 230 1.00 -4.82 -15.45
C TYR A 230 -0.40 -5.21 -16.00
N PRO A 231 -0.43 -6.17 -16.94
CA PRO A 231 -1.71 -6.80 -17.33
C PRO A 231 -2.49 -7.28 -16.13
N VAL A 232 -3.82 -7.28 -16.27
CA VAL A 232 -4.65 -7.77 -15.16
C VAL A 232 -4.35 -9.23 -14.78
N HIS A 233 -4.08 -10.07 -15.75
CA HIS A 233 -3.82 -11.48 -15.46
C HIS A 233 -2.37 -11.78 -15.03
N HIS A 234 -1.48 -10.79 -15.05
CA HIS A 234 -0.12 -10.97 -14.57
C HIS A 234 -0.12 -11.00 -13.04
N PRO A 235 0.81 -11.72 -12.41
CA PRO A 235 0.86 -11.71 -10.93
C PRO A 235 1.05 -10.32 -10.28
N CYS A 236 1.65 -9.37 -11.01
CA CYS A 236 1.80 -8.00 -10.54
C CYS A 236 0.71 -7.07 -11.04
N ASP A 237 -0.47 -7.62 -11.37
CA ASP A 237 -1.68 -6.84 -11.52
C ASP A 237 -1.78 -5.77 -10.45
N ARG A 238 -2.00 -4.51 -10.90
CA ARG A 238 -2.23 -3.30 -10.08
C ARG A 238 -0.92 -2.65 -9.66
N GLN A 239 0.22 -3.29 -9.87
CA GLN A 239 1.47 -2.63 -9.58
C GLN A 239 2.01 -1.97 -10.88
N SER A 240 2.74 -0.87 -10.71
CA SER A 240 3.38 -0.18 -11.84
C SER A 240 4.51 -1.02 -12.36
N GLN A 241 4.65 -1.01 -13.66
CA GLN A 241 5.79 -1.62 -14.28
C GLN A 241 7.04 -0.76 -14.19
N VAL A 242 6.91 0.50 -13.83
CA VAL A 242 8.02 1.44 -13.93
C VAL A 242 8.97 1.21 -12.77
N ASP A 243 10.26 1.08 -13.02
CA ASP A 243 11.25 1.04 -11.93
C ASP A 243 11.53 2.47 -11.49
N PHE A 244 11.00 2.87 -10.33
CA PHE A 244 11.16 4.27 -9.91
C PHE A 244 12.62 4.67 -9.74
N ASP A 245 13.52 3.68 -9.49
CA ASP A 245 14.92 4.01 -9.31
C ASP A 245 15.65 4.17 -10.63
N ASN A 246 15.10 3.62 -11.73
CA ASN A 246 15.72 3.72 -13.06
C ASN A 246 14.61 3.68 -14.12
N PRO A 247 13.85 4.76 -14.24
CA PRO A 247 12.67 4.70 -15.14
C PRO A 247 13.09 4.63 -16.60
N ASP A 248 12.47 3.68 -17.32
CA ASP A 248 12.75 3.51 -18.73
C ASP A 248 11.77 4.40 -19.51
N TYR A 249 12.24 5.57 -19.91
CA TYR A 249 11.34 6.52 -20.54
C TYR A 249 11.02 6.16 -21.98
N GLU A 250 11.78 5.24 -22.58
CA GLU A 250 11.42 4.79 -23.92
C GLU A 250 10.20 3.87 -23.85
N ARG A 251 10.12 3.00 -22.86
CA ARG A 251 8.92 2.17 -22.79
C ARG A 251 7.77 2.88 -22.09
N PHE A 252 8.09 3.83 -21.18
CA PHE A 252 7.14 4.44 -20.27
C PHE A 252 7.21 5.94 -20.39
N PRO A 253 7.01 6.48 -21.58
CA PRO A 253 7.27 7.91 -21.76
C PRO A 253 6.45 8.81 -20.85
N ASN A 254 5.18 8.46 -20.57
CA ASN A 254 4.34 9.35 -19.78
C ASN A 254 4.72 9.34 -18.32
N PHE A 255 5.65 8.50 -17.92
CA PHE A 255 6.11 8.61 -16.54
C PHE A 255 6.83 9.94 -16.33
N GLN A 256 7.24 10.58 -17.44
CA GLN A 256 7.83 11.92 -17.34
C GLN A 256 6.82 13.01 -16.99
N ASN A 257 5.52 12.70 -16.94
CA ASN A 257 4.52 13.67 -16.55
C ASN A 257 3.92 13.34 -15.18
N VAL A 258 4.44 12.36 -14.50
CA VAL A 258 3.78 11.92 -13.25
C VAL A 258 4.01 12.96 -12.17
N VAL A 259 2.99 13.21 -11.32
CA VAL A 259 3.12 14.15 -10.22
CA VAL A 259 3.13 14.15 -10.22
C VAL A 259 2.46 13.51 -8.99
N GLY A 260 3.19 13.48 -7.88
CA GLY A 260 2.71 12.78 -6.68
C GLY A 260 2.26 13.75 -5.58
N TYR A 261 1.60 13.14 -4.58
CA TYR A 261 1.14 13.78 -3.38
C TYR A 261 1.85 12.99 -2.26
N GLU A 262 2.55 13.71 -1.38
CA GLU A 262 3.54 13.08 -0.50
C GLU A 262 3.32 13.46 0.94
N THR A 263 3.72 12.54 1.83
CA THR A 263 3.64 12.82 3.24
C THR A 263 4.56 11.81 3.93
N VAL A 264 4.97 12.14 5.14
CA VAL A 264 5.61 11.17 6.03
C VAL A 264 4.72 10.98 7.27
N VAL A 265 4.20 9.77 7.46
CA VAL A 265 3.39 9.46 8.62
C VAL A 265 4.28 8.87 9.69
N GLY A 266 4.05 9.27 10.93
CA GLY A 266 4.69 8.70 12.07
C GLY A 266 3.67 8.15 13.07
N PRO A 267 4.14 7.71 14.24
CA PRO A 267 3.23 7.05 15.19
C PRO A 267 2.03 7.94 15.49
N GLY A 268 0.83 7.40 15.43
CA GLY A 268 -0.34 8.18 15.75
C GLY A 268 -1.06 8.72 14.52
N ASP A 269 -0.38 8.79 13.40
CA ASP A 269 -0.97 9.34 12.17
C ASP A 269 -1.78 8.26 11.45
N VAL A 270 -2.83 8.69 10.76
CA VAL A 270 -3.62 7.79 9.95
C VAL A 270 -3.73 8.45 8.56
N LEU A 271 -3.36 7.71 7.55
CA LEU A 271 -3.40 8.23 6.18
C LEU A 271 -4.59 7.59 5.49
N TYR A 272 -5.52 8.38 4.98
CA TYR A 272 -6.58 7.87 4.11
C TYR A 272 -6.04 7.71 2.71
N ILE A 273 -5.99 6.46 2.26
CA ILE A 273 -5.61 6.13 0.90
C ILE A 273 -6.91 5.73 0.18
N PRO A 274 -7.49 6.63 -0.62
CA PRO A 274 -8.72 6.26 -1.35
C PRO A 274 -8.49 5.15 -2.35
N MET A 275 -9.55 4.36 -2.52
CA MET A 275 -9.49 3.25 -3.47
C MET A 275 -9.04 3.74 -4.86
N TYR A 276 -8.27 2.91 -5.59
CA TYR A 276 -7.75 3.18 -6.92
C TYR A 276 -6.64 4.22 -6.88
N TRP A 277 -6.34 4.84 -5.74
CA TRP A 277 -5.20 5.73 -5.74
C TRP A 277 -3.94 4.88 -5.62
N TRP A 278 -2.97 5.29 -6.44
CA TRP A 278 -1.67 4.65 -6.53
C TRP A 278 -0.95 5.08 -5.29
N HIS A 279 -0.10 4.24 -4.71
CA HIS A 279 0.69 4.67 -3.58
C HIS A 279 1.97 3.85 -3.56
N HIS A 280 3.04 4.56 -3.28
CA HIS A 280 4.38 4.05 -3.10
C HIS A 280 4.69 4.33 -1.64
N ILE A 281 5.21 3.34 -0.93
CA ILE A 281 5.39 3.43 0.52
C ILE A 281 6.83 3.04 0.86
N GLU A 282 7.57 3.93 1.52
CA GLU A 282 8.90 3.54 1.97
C GLU A 282 9.15 3.82 3.45
N SER A 283 9.81 2.85 4.11
CA SER A 283 10.26 3.04 5.49
C SER A 283 11.55 3.84 5.50
N LEU A 284 11.61 4.90 6.31
CA LEU A 284 12.65 5.90 6.14
C LEU A 284 14.06 5.31 6.32
N LEU A 285 14.99 5.71 5.46
CA LEU A 285 16.37 5.25 5.58
C LEU A 285 16.88 5.53 6.98
N ASN A 286 17.55 4.54 7.57
CA ASN A 286 18.16 4.64 8.90
C ASN A 286 17.16 5.10 9.96
N GLY A 287 15.90 4.68 9.81
CA GLY A 287 14.88 5.11 10.74
C GLY A 287 14.41 4.01 11.68
N GLY A 288 15.08 2.85 11.60
CA GLY A 288 14.66 1.71 12.41
C GLY A 288 13.53 0.92 11.80
N ILE A 289 13.04 -0.04 12.56
CA ILE A 289 11.92 -0.82 12.05
C ILE A 289 10.67 0.05 12.02
N THR A 290 9.73 -0.30 11.14
CA THR A 290 8.45 0.37 11.07
C THR A 290 7.35 -0.63 11.39
N ILE A 291 6.28 -0.13 11.97
CA ILE A 291 5.11 -0.93 12.19
C ILE A 291 3.89 -0.14 11.75
N THR A 292 3.00 -0.81 11.02
CA THR A 292 1.78 -0.20 10.54
C THR A 292 0.67 -1.21 10.65
N VAL A 293 -0.56 -0.73 10.84
CA VAL A 293 -1.74 -1.58 10.63
C VAL A 293 -2.71 -0.89 9.67
N ASN A 294 -3.14 -1.58 8.60
CA ASN A 294 -4.09 -0.94 7.72
C ASN A 294 -5.51 -1.48 8.01
N PHE A 295 -6.48 -0.82 7.37
CA PHE A 295 -7.89 -1.08 7.64
C PHE A 295 -8.50 -1.01 6.24
N TRP A 296 -8.83 -2.13 5.62
CA TRP A 296 -9.39 -2.14 4.27
C TRP A 296 -10.90 -2.35 4.29
N TYR A 297 -11.62 -1.46 3.60
CA TYR A 297 -13.06 -1.55 3.45
C TYR A 297 -13.44 -1.66 2.01
N LYS A 298 -14.47 -2.45 1.70
CA LYS A 298 -15.00 -2.43 0.33
C LYS A 298 -15.64 -1.07 0.05
N GLY A 299 -15.49 -0.60 -1.16
CA GLY A 299 -16.06 0.68 -1.52
C GLY A 299 -17.58 0.64 -1.52
N ALA A 300 -18.17 1.82 -1.53
CA ALA A 300 -19.62 1.94 -1.63
C ALA A 300 -20.10 1.30 -2.93
N PRO A 301 -21.30 0.76 -2.95
CA PRO A 301 -21.80 0.13 -4.18
C PRO A 301 -21.85 1.15 -5.31
N THR A 302 -21.78 0.64 -6.52
CA THR A 302 -21.94 1.50 -7.70
C THR A 302 -23.40 1.92 -7.83
N PRO A 303 -23.69 3.22 -7.98
CA PRO A 303 -25.08 3.67 -7.99
C PRO A 303 -25.84 3.11 -9.18
N LYS A 304 -27.16 2.98 -9.01
CA LYS A 304 -27.98 2.42 -10.08
C LYS A 304 -27.97 3.31 -11.31
N ARG A 305 -28.13 4.62 -11.10
CA ARG A 305 -28.08 5.61 -12.19
C ARG A 305 -26.66 6.16 -12.29
N ILE A 306 -26.01 5.89 -13.42
CA ILE A 306 -24.62 6.31 -13.65
C ILE A 306 -24.62 7.77 -14.10
N GLU A 307 -23.93 8.61 -13.34
CA GLU A 307 -23.82 10.03 -13.66
C GLU A 307 -22.60 10.23 -14.56
N TYR A 308 -22.81 10.80 -15.65
CA TYR A 308 -21.69 11.21 -16.48
C TYR A 308 -21.35 12.67 -16.21
N PRO A 309 -20.08 13.07 -16.35
CA PRO A 309 -18.96 12.24 -16.81
C PRO A 309 -18.47 11.26 -15.76
N LEU A 310 -17.89 10.16 -16.21
CA LEU A 310 -17.39 9.13 -15.29
C LEU A 310 -16.15 9.62 -14.58
N LYS A 311 -15.96 9.19 -13.33
CA LYS A 311 -14.72 9.45 -12.63
C LYS A 311 -13.56 8.61 -13.18
N ALA A 312 -12.34 9.03 -12.90
CA ALA A 312 -11.16 8.32 -13.38
C ALA A 312 -11.20 6.87 -12.94
N HIS A 313 -11.55 6.62 -11.68
CA HIS A 313 -11.48 5.24 -11.17
C HIS A 313 -12.52 4.36 -11.82
N GLN A 314 -13.61 4.97 -12.25
CA GLN A 314 -14.60 4.19 -13.02
C GLN A 314 -14.06 3.75 -14.37
N LYS A 315 -13.23 4.57 -15.01
CA LYS A 315 -12.62 4.17 -16.27
C LYS A 315 -11.57 3.10 -16.05
N VAL A 316 -10.80 3.17 -14.98
CA VAL A 316 -9.89 2.08 -14.62
C VAL A 316 -10.66 0.78 -14.47
N ALA A 317 -11.81 0.83 -13.81
CA ALA A 317 -12.62 -0.38 -13.60
C ALA A 317 -13.17 -0.91 -14.90
N ILE A 318 -13.46 -0.03 -15.85
CA ILE A 318 -13.94 -0.52 -17.12
C ILE A 318 -12.81 -1.27 -17.81
N MET A 319 -11.62 -0.70 -17.78
CA MET A 319 -10.48 -1.31 -18.45
C MET A 319 -10.17 -2.67 -17.84
N ARG A 320 -10.16 -2.75 -16.50
CA ARG A 320 -9.97 -4.03 -15.83
C ARG A 320 -11.01 -5.02 -16.32
N ASN A 321 -12.26 -4.60 -16.37
CA ASN A 321 -13.31 -5.56 -16.75
C ASN A 321 -13.12 -6.02 -18.21
N ILE A 322 -12.77 -5.09 -19.10
CA ILE A 322 -12.50 -5.52 -20.48
C ILE A 322 -11.40 -6.59 -20.54
N GLU A 323 -10.28 -6.36 -19.84
CA GLU A 323 -9.20 -7.36 -19.80
C GLU A 323 -9.67 -8.70 -19.25
N LYS A 324 -10.46 -8.71 -18.18
CA LYS A 324 -10.93 -9.96 -17.59
C LYS A 324 -11.86 -10.70 -18.55
N MET A 325 -12.80 -10.01 -19.18
CA MET A 325 -13.72 -10.68 -20.08
C MET A 325 -13.01 -11.22 -21.32
N LEU A 326 -12.08 -10.46 -21.85
CA LEU A 326 -11.34 -10.93 -23.01
C LEU A 326 -10.54 -12.18 -22.68
N GLY A 327 -9.93 -12.22 -21.51
CA GLY A 327 -9.22 -13.40 -21.10
C GLY A 327 -10.12 -14.61 -20.99
N GLU A 328 -11.34 -14.39 -20.49
CA GLU A 328 -12.30 -15.48 -20.38
C GLU A 328 -12.80 -15.91 -21.75
N ALA A 329 -13.15 -14.93 -22.58
CA ALA A 329 -13.71 -15.27 -23.89
C ALA A 329 -12.68 -15.97 -24.76
N LEU A 330 -11.44 -15.49 -24.79
CA LEU A 330 -10.40 -16.07 -25.63
C LEU A 330 -9.94 -17.42 -25.11
N GLY A 331 -10.22 -17.72 -23.82
CA GLY A 331 -9.77 -18.96 -23.23
C GLY A 331 -8.33 -18.95 -22.76
N ASN A 332 -7.60 -17.86 -22.97
CA ASN A 332 -6.21 -17.81 -22.57
C ASN A 332 -5.80 -16.35 -22.36
N PRO A 333 -5.30 -16.00 -21.19
CA PRO A 333 -4.92 -14.59 -20.97
C PRO A 333 -3.77 -14.14 -21.82
N GLN A 334 -2.93 -15.05 -22.32
CA GLN A 334 -1.84 -14.67 -23.19
C GLN A 334 -2.32 -14.09 -24.51
N GLU A 335 -3.54 -14.41 -24.93
CA GLU A 335 -4.05 -13.88 -26.19
C GLU A 335 -4.70 -12.50 -26.04
N VAL A 336 -4.72 -11.94 -24.81
CA VAL A 336 -5.38 -10.65 -24.60
C VAL A 336 -4.65 -9.53 -25.36
N GLY A 337 -3.37 -9.49 -25.21
CA GLY A 337 -2.58 -8.43 -25.79
C GLY A 337 -2.65 -8.42 -27.32
N PRO A 338 -2.40 -9.55 -27.97
CA PRO A 338 -2.54 -9.59 -29.47
C PRO A 338 -3.91 -9.15 -30.01
N LEU A 339 -4.98 -9.59 -29.37
CA LEU A 339 -6.31 -9.16 -29.83
CA LEU A 339 -6.31 -9.16 -29.83
C LEU A 339 -6.49 -7.67 -29.67
N LEU A 340 -6.10 -7.11 -28.51
CA LEU A 340 -6.25 -5.68 -28.30
C LEU A 340 -5.46 -4.90 -29.34
N ASN A 341 -4.22 -5.35 -29.63
CA ASN A 341 -3.41 -4.67 -30.65
C ASN A 341 -4.11 -4.75 -32.02
N THR A 342 -4.59 -5.94 -32.34
CA THR A 342 -5.34 -6.10 -33.59
C THR A 342 -6.54 -5.16 -33.66
N MET A 343 -7.21 -4.91 -32.51
CA MET A 343 -8.37 -4.04 -32.50
CA MET A 343 -8.37 -4.04 -32.50
C MET A 343 -8.01 -2.59 -32.73
N ILE A 344 -6.84 -2.16 -32.23
CA ILE A 344 -6.52 -0.74 -32.32
C ILE A 344 -5.67 -0.33 -33.52
N LYS A 345 -4.71 -1.19 -33.93
CA LYS A 345 -3.71 -0.73 -34.90
C LYS A 345 -4.43 -0.27 -36.18
N GLY A 346 -4.14 0.96 -36.59
CA GLY A 346 -4.64 1.51 -37.83
C GLY A 346 -6.11 1.79 -37.77
N ARG A 347 -6.74 1.65 -36.60
CA ARG A 347 -8.18 1.84 -36.45
C ARG A 347 -8.51 2.89 -35.42
N TYR A 348 -7.84 2.83 -34.26
CA TYR A 348 -8.04 3.78 -33.19
C TYR A 348 -6.76 4.47 -32.77
N ASN A 349 -5.66 4.20 -33.42
CA ASN A 349 -4.41 4.99 -33.19
C ASN A 349 -3.90 5.68 -34.46
#